data_5EZ5
#
_entry.id   5EZ5
#
_cell.length_a   74.111
_cell.length_b   74.111
_cell.length_c   149.444
_cell.angle_alpha   90.00
_cell.angle_beta   90.00
_cell.angle_gamma   90.00
#
_symmetry.space_group_name_H-M   'I 4'
#
loop_
_entity.id
_entity.type
_entity.pdbx_description
1 polymer 'Ras-related protein Rab-11A'
2 non-polymer 'MAGNESIUM ION'
3 non-polymer "GUANOSINE-5'-TRIPHOSPHATE"
4 water water
#
_entity_poly.entity_id   1
_entity_poly.type   'polypeptide(L)'
_entity_poly.pdbx_seq_one_letter_code
;YDYLFKVVLIGDVGVGKSNLLSRFTRNEFNLESKSTIGVEFATRSIQVDGKTIKAQIWDTAGQERYRAITSAYYRGAVGA
LLVYDIAKHLTYENVERWLKELRDHADSNIVIMLVGNKSDLRHLRAVPTDEARAFAEKNGLSFIETSALDSTNVEAAFQT
ILTEIYRI
;
_entity_poly.pdbx_strand_id   A,B
#
loop_
_chem_comp.id
_chem_comp.type
_chem_comp.name
_chem_comp.formula
GTP non-polymer GUANOSINE-5'-TRIPHOSPHATE 'C10 H16 N5 O14 P3'
MG non-polymer 'MAGNESIUM ION' 'Mg 2'
#
# COMPACT_ATOMS: atom_id res chain seq x y z
N TYR A 1 1.55 36.68 -13.74
CA TYR A 1 2.73 35.98 -13.12
C TYR A 1 4.01 36.33 -13.88
N ASP A 2 5.17 36.23 -13.22
CA ASP A 2 6.48 36.53 -13.88
C ASP A 2 7.18 35.28 -14.48
N TYR A 3 7.01 34.13 -13.83
CA TYR A 3 7.54 32.88 -14.34
C TYR A 3 6.56 31.71 -14.07
N LEU A 4 6.64 30.67 -14.90
CA LEU A 4 5.91 29.41 -14.68
C LEU A 4 6.92 28.30 -14.30
N PHE A 5 6.73 27.74 -13.12
CA PHE A 5 7.52 26.62 -12.72
C PHE A 5 6.65 25.34 -12.71
N LYS A 6 6.96 24.38 -13.57
CA LYS A 6 6.33 23.06 -13.51
C LYS A 6 7.08 22.24 -12.49
N VAL A 7 6.38 21.82 -11.44
CA VAL A 7 6.87 20.92 -10.42
C VAL A 7 6.07 19.60 -10.38
N VAL A 8 6.75 18.48 -10.21
CA VAL A 8 6.08 17.17 -10.13
C VAL A 8 6.24 16.56 -8.74
N LEU A 9 5.15 15.96 -8.26
CA LEU A 9 5.13 15.04 -7.14
C LEU A 9 5.39 13.61 -7.65
N ILE A 10 6.22 12.88 -6.93
CA ILE A 10 6.53 11.49 -7.17
C ILE A 10 6.81 10.88 -5.78
N GLY A 11 6.71 9.56 -5.69
CA GLY A 11 6.81 8.84 -4.42
C GLY A 11 5.78 7.73 -4.48
N ASP A 12 5.92 6.75 -3.58
CA ASP A 12 5.15 5.50 -3.67
C ASP A 12 3.67 5.79 -3.49
N VAL A 13 2.87 4.80 -3.84
CA VAL A 13 1.45 4.84 -3.65
C VAL A 13 1.16 5.11 -2.17
N GLY A 14 0.22 6.00 -1.90
CA GLY A 14 -0.23 6.22 -0.52
C GLY A 14 0.55 7.16 0.38
N VAL A 15 1.63 7.76 -0.10
CA VAL A 15 2.45 8.66 0.75
C VAL A 15 1.89 10.05 0.97
N GLY A 16 0.90 10.44 0.14
CA GLY A 16 0.14 11.67 0.38
C GLY A 16 0.30 12.76 -0.64
N LYS A 17 0.80 12.38 -1.80
CA LYS A 17 1.09 13.32 -2.87
C LYS A 17 -0.11 14.12 -3.31
N SER A 18 -1.27 13.48 -3.49
CA SER A 18 -2.42 14.25 -4.03
C SER A 18 -3.00 15.19 -3.02
N ASN A 19 -2.85 14.85 -1.74
CA ASN A 19 -3.26 15.72 -0.64
C ASN A 19 -2.25 16.83 -0.36
N LEU A 20 -0.94 16.58 -0.60
CA LEU A 20 0.01 17.74 -0.71
C LEU A 20 -0.44 18.68 -1.83
N LEU A 21 -0.77 18.13 -2.97
CA LEU A 21 -1.26 18.98 -4.04
C LEU A 21 -2.49 19.77 -3.58
N SER A 22 -3.51 19.08 -3.06
CA SER A 22 -4.78 19.76 -2.76
C SER A 22 -4.66 20.69 -1.56
N ARG A 23 -3.76 20.36 -0.64
CA ARG A 23 -3.53 21.22 0.49
C ARG A 23 -2.97 22.52 -0.03
N PHE A 24 -1.90 22.41 -0.82
CA PHE A 24 -1.26 23.58 -1.40
C PHE A 24 -2.14 24.43 -2.33
N THR A 25 -2.88 23.82 -3.24
CA THR A 25 -3.58 24.60 -4.26
C THR A 25 -5.00 25.08 -3.92
N ARG A 26 -5.72 24.30 -3.11
CA ARG A 26 -7.09 24.64 -2.72
C ARG A 26 -7.27 24.60 -1.23
N ASN A 27 -6.18 24.44 -0.48
CA ASN A 27 -6.21 24.27 0.99
C ASN A 27 -7.22 23.22 1.48
N GLU A 28 -7.65 22.32 0.58
CA GLU A 28 -8.57 21.21 0.93
C GLU A 28 -7.79 19.93 1.24
N PHE A 29 -8.35 19.08 2.10
CA PHE A 29 -7.77 17.80 2.43
C PHE A 29 -8.86 16.72 2.43
N ASN A 30 -8.43 15.46 2.30
CA ASN A 30 -9.35 14.36 2.17
C ASN A 30 -8.75 13.08 2.73
N LEU A 31 -9.25 12.65 3.88
CA LEU A 31 -8.83 11.40 4.48
C LEU A 31 -9.28 10.20 3.65
N GLU A 32 -10.36 10.36 2.89
CA GLU A 32 -10.86 9.30 2.02
C GLU A 32 -10.48 9.55 0.55
N SER A 33 -9.19 9.73 0.30
CA SER A 33 -8.71 9.87 -1.08
C SER A 33 -8.26 8.52 -1.66
N LYS A 34 -8.78 8.21 -2.85
CA LYS A 34 -8.46 7.00 -3.58
C LYS A 34 -7.14 7.20 -4.41
N SER A 35 -6.52 6.09 -4.81
CA SER A 35 -5.32 6.14 -5.66
C SER A 35 -5.63 6.91 -6.95
N THR A 36 -4.70 7.75 -7.36
CA THR A 36 -4.89 8.66 -8.47
C THR A 36 -4.94 7.96 -9.85
N ILE A 37 -6.00 8.30 -10.60
CA ILE A 37 -6.20 7.81 -11.97
C ILE A 37 -5.68 8.81 -12.99
N GLY A 38 -4.87 8.32 -13.92
CA GLY A 38 -4.18 9.16 -14.88
C GLY A 38 -3.41 10.24 -14.13
N VAL A 39 -3.27 11.40 -14.77
CA VAL A 39 -2.38 12.45 -14.36
C VAL A 39 -3.22 13.67 -14.08
N GLU A 40 -2.86 14.44 -13.06
CA GLU A 40 -3.52 15.70 -12.80
C GLU A 40 -2.50 16.82 -12.61
N PHE A 41 -2.94 18.04 -12.86
CA PHE A 41 -2.20 19.17 -12.35
C PHE A 41 -3.11 20.27 -11.84
N ALA A 42 -2.55 21.13 -11.01
CA ALA A 42 -3.23 22.29 -10.53
C ALA A 42 -2.19 23.38 -10.28
N THR A 43 -2.64 24.61 -10.29
CA THR A 43 -1.74 25.74 -10.26
C THR A 43 -2.07 26.57 -9.05
N ARG A 44 -1.05 27.23 -8.51
CA ARG A 44 -1.23 28.32 -7.57
C ARG A 44 -0.08 29.33 -7.68
N SER A 45 -0.41 30.61 -7.52
CA SER A 45 0.61 31.67 -7.53
C SER A 45 1.13 32.03 -6.19
N ILE A 46 2.43 32.18 -6.11
CA ILE A 46 2.98 32.78 -4.93
C ILE A 46 4.08 33.73 -5.26
N GLN A 47 4.63 34.26 -4.18
CA GLN A 47 5.58 35.31 -4.22
C GLN A 47 6.91 34.70 -3.82
N VAL A 48 7.91 34.89 -4.68
CA VAL A 48 9.23 34.34 -4.39
C VAL A 48 10.24 35.45 -4.66
N ASP A 49 10.98 35.90 -3.65
CA ASP A 49 12.00 36.97 -3.85
C ASP A 49 11.49 38.14 -4.70
N GLY A 50 10.24 38.57 -4.44
CA GLY A 50 9.67 39.73 -5.13
C GLY A 50 8.79 39.45 -6.33
N LYS A 51 8.88 38.21 -6.85
CA LYS A 51 8.23 37.79 -8.09
C LYS A 51 6.97 36.97 -7.89
N THR A 52 6.12 37.00 -8.91
CA THR A 52 4.96 36.13 -8.95
C THR A 52 5.24 34.84 -9.76
N ILE A 53 5.47 33.73 -9.07
CA ILE A 53 5.61 32.43 -9.75
C ILE A 53 4.27 31.76 -9.79
N LYS A 54 3.84 31.35 -10.97
CA LYS A 54 2.76 30.37 -11.11
C LYS A 54 3.37 28.94 -10.99
N ALA A 55 3.06 28.26 -9.89
CA ALA A 55 3.50 26.87 -9.70
C ALA A 55 2.51 25.91 -10.31
N GLN A 56 2.98 25.17 -11.32
CA GLN A 56 2.16 24.14 -11.95
C GLN A 56 2.62 22.79 -11.39
N ILE A 57 1.76 22.18 -10.57
CA ILE A 57 2.15 21.00 -9.81
C ILE A 57 1.43 19.80 -10.38
N TRP A 58 2.19 18.80 -10.72
CA TRP A 58 1.66 17.66 -11.38
C TRP A 58 1.69 16.53 -10.40
N ASP A 59 0.78 15.60 -10.62
CA ASP A 59 0.54 14.51 -9.74
C ASP A 59 0.04 13.30 -10.52
N THR A 60 0.31 12.11 -9.99
CA THR A 60 -0.16 10.89 -10.65
C THR A 60 0.06 9.73 -9.72
N ALA A 61 -0.59 8.61 -9.98
CA ALA A 61 -0.43 7.38 -9.15
C ALA A 61 1.02 6.96 -9.09
N GLY A 62 1.47 6.49 -7.91
CA GLY A 62 2.80 5.86 -7.74
C GLY A 62 2.96 4.47 -8.36
N GLN A 63 1.85 3.89 -8.86
CA GLN A 63 1.84 2.51 -9.34
C GLN A 63 2.42 2.45 -10.77
N GLU A 64 3.44 1.61 -10.95
CA GLU A 64 4.02 1.39 -12.30
C GLU A 64 4.17 -0.12 -12.73
N ARG A 65 3.15 -0.94 -12.53
CA ARG A 65 3.28 -2.35 -12.92
C ARG A 65 3.19 -2.59 -14.44
N TYR A 66 1.99 -2.33 -14.94
CA TYR A 66 1.63 -2.54 -16.31
C TYR A 66 1.73 -1.26 -17.11
N ARG A 67 1.72 -0.13 -16.42
CA ARG A 67 1.69 1.19 -17.04
C ARG A 67 2.73 2.09 -16.41
N ALA A 68 3.81 2.41 -17.12
CA ALA A 68 4.90 3.25 -16.56
C ALA A 68 4.67 4.74 -16.84
N ILE A 69 5.09 5.56 -15.88
CA ILE A 69 5.16 7.01 -16.05
C ILE A 69 6.23 7.29 -17.07
N THR A 70 5.91 8.05 -18.09
CA THR A 70 6.87 8.40 -19.14
C THR A 70 7.54 9.76 -18.95
N SER A 71 8.44 10.07 -19.86
CA SER A 71 9.18 11.31 -19.80
C SER A 71 8.32 12.55 -19.99
N ALA A 72 7.16 12.36 -20.62
CA ALA A 72 6.25 13.43 -20.89
C ALA A 72 5.71 13.96 -19.59
N TYR A 73 5.57 13.09 -18.60
CA TYR A 73 5.19 13.54 -17.30
C TYR A 73 6.23 14.54 -16.76
N TYR A 74 7.50 14.23 -16.96
CA TYR A 74 8.54 14.99 -16.30
C TYR A 74 8.94 16.14 -17.14
N ARG A 75 8.53 16.13 -18.39
CA ARG A 75 9.03 17.08 -19.34
C ARG A 75 8.83 18.57 -18.93
N GLY A 76 9.95 19.27 -18.81
CA GLY A 76 9.92 20.71 -18.55
C GLY A 76 9.89 20.99 -17.06
N ALA A 77 9.87 19.93 -16.23
CA ALA A 77 9.82 20.11 -14.77
C ALA A 77 11.13 20.68 -14.22
N VAL A 78 11.05 21.75 -13.43
CA VAL A 78 12.23 22.36 -12.78
C VAL A 78 12.37 21.87 -11.33
N GLY A 79 11.29 21.26 -10.82
CA GLY A 79 11.33 20.82 -9.43
C GLY A 79 10.64 19.49 -9.26
N ALA A 80 11.20 18.64 -8.41
CA ALA A 80 10.49 17.44 -8.03
C ALA A 80 10.33 17.37 -6.49
N LEU A 81 9.09 17.15 -6.06
CA LEU A 81 8.80 16.81 -4.68
C LEU A 81 8.74 15.31 -4.51
N LEU A 82 9.79 14.80 -3.89
CA LEU A 82 9.99 13.36 -3.73
C LEU A 82 9.53 12.95 -2.35
N VAL A 83 8.32 12.40 -2.27
CA VAL A 83 7.59 12.25 -1.01
C VAL A 83 7.66 10.82 -0.52
N TYR A 84 7.85 10.66 0.78
CA TYR A 84 7.74 9.30 1.35
C TYR A 84 6.92 9.48 2.62
N ASP A 85 6.64 8.35 3.25
CA ASP A 85 5.74 8.29 4.41
C ASP A 85 6.62 8.00 5.61
N ILE A 86 6.65 8.93 6.56
CA ILE A 86 7.57 8.74 7.68
C ILE A 86 7.24 7.43 8.44
N ALA A 87 5.96 7.03 8.41
CA ALA A 87 5.47 5.83 9.13
C ALA A 87 5.68 4.47 8.43
N LYS A 88 5.97 4.48 7.14
CA LYS A 88 6.18 3.23 6.40
C LYS A 88 7.57 3.27 5.83
N HIS A 89 8.41 2.36 6.33
CA HIS A 89 9.83 2.36 6.02
C HIS A 89 10.12 1.97 4.58
N LEU A 90 9.23 1.19 3.95
CA LEU A 90 9.50 0.79 2.55
C LEU A 90 9.42 2.00 1.61
N THR A 91 8.63 3.00 1.97
CA THR A 91 8.46 4.20 1.13
C THR A 91 9.71 5.11 1.15
N TYR A 92 10.36 5.21 2.31
CA TYR A 92 11.68 5.81 2.40
C TYR A 92 12.71 5.01 1.63
N GLU A 93 12.60 3.69 1.67
CA GLU A 93 13.57 2.81 1.04
C GLU A 93 13.50 2.96 -0.45
N ASN A 94 12.31 3.29 -0.96
CA ASN A 94 12.11 3.38 -2.42
C ASN A 94 12.52 4.72 -3.03
N VAL A 95 12.96 5.63 -2.15
CA VAL A 95 13.53 6.90 -2.59
C VAL A 95 14.59 6.65 -3.68
N GLU A 96 15.49 5.70 -3.43
CA GLU A 96 16.50 5.28 -4.44
C GLU A 96 15.90 5.13 -5.82
N ARG A 97 14.78 4.42 -5.86
CA ARG A 97 14.11 4.09 -7.08
C ARG A 97 13.58 5.38 -7.75
N TRP A 98 13.09 6.32 -6.93
CA TRP A 98 12.52 7.57 -7.48
C TRP A 98 13.61 8.48 -7.99
N LEU A 99 14.74 8.46 -7.31
CA LEU A 99 15.96 9.13 -7.76
C LEU A 99 16.38 8.55 -9.08
N LYS A 100 16.37 7.22 -9.15
CA LYS A 100 16.70 6.54 -10.39
C LYS A 100 15.77 7.02 -11.50
N GLU A 101 14.47 7.00 -11.24
CA GLU A 101 13.46 7.48 -12.20
C GLU A 101 13.65 8.98 -12.54
N LEU A 102 14.04 9.79 -11.57
CA LEU A 102 14.39 11.23 -11.86
C LEU A 102 15.58 11.35 -12.80
N ARG A 103 16.63 10.57 -12.54
CA ARG A 103 17.79 10.56 -13.42
C ARG A 103 17.37 10.22 -14.84
N ASP A 104 16.55 9.17 -14.92
CA ASP A 104 16.02 8.59 -16.13
C ASP A 104 15.14 9.52 -16.94
N HIS A 105 14.17 10.17 -16.30
CA HIS A 105 13.15 10.80 -17.11
C HIS A 105 13.18 12.32 -17.08
N ALA A 106 13.82 12.91 -16.07
CA ALA A 106 13.79 14.36 -15.81
C ALA A 106 15.08 15.06 -16.23
N ASP A 107 15.09 16.39 -16.18
CA ASP A 107 16.27 17.16 -16.53
C ASP A 107 17.38 16.93 -15.53
N SER A 108 18.62 16.97 -16.01
CA SER A 108 19.78 16.82 -15.14
C SER A 108 19.81 17.92 -14.06
N ASN A 109 19.14 19.04 -14.33
CA ASN A 109 19.13 20.22 -13.44
C ASN A 109 17.87 20.46 -12.56
N ILE A 110 17.03 19.45 -12.46
CA ILE A 110 15.85 19.51 -11.64
C ILE A 110 16.28 19.64 -10.20
N VAL A 111 15.61 20.55 -9.51
CA VAL A 111 15.72 20.66 -8.08
C VAL A 111 14.81 19.64 -7.41
N ILE A 112 15.38 18.88 -6.50
CA ILE A 112 14.72 17.82 -5.84
C ILE A 112 14.67 18.06 -4.34
N MET A 113 13.44 18.14 -3.81
CA MET A 113 13.22 18.06 -2.37
C MET A 113 12.67 16.73 -1.91
N LEU A 114 13.37 16.13 -0.94
CA LEU A 114 12.89 14.99 -0.21
C LEU A 114 11.90 15.46 0.81
N VAL A 115 10.66 14.97 0.76
CA VAL A 115 9.60 15.33 1.70
C VAL A 115 9.14 14.07 2.47
N GLY A 116 9.32 14.08 3.80
CA GLY A 116 8.80 13.03 4.68
C GLY A 116 7.45 13.54 5.16
N ASN A 117 6.37 12.94 4.64
CA ASN A 117 5.03 13.54 4.86
C ASN A 117 4.38 12.77 5.98
N LYS A 118 3.24 13.26 6.49
CA LYS A 118 2.52 12.61 7.61
C LYS A 118 3.29 12.74 8.91
N SER A 119 3.69 13.96 9.28
CA SER A 119 4.47 14.13 10.50
C SER A 119 3.56 14.10 11.75
N ASP A 120 2.26 14.35 11.55
CA ASP A 120 1.28 14.32 12.62
C ASP A 120 1.33 12.94 13.33
N LEU A 121 1.67 11.93 12.54
CA LEU A 121 1.84 10.58 13.03
C LEU A 121 3.17 10.41 13.78
N ARG A 122 3.48 11.40 14.62
CA ARG A 122 4.72 11.44 15.43
C ARG A 122 5.07 10.06 15.98
N HIS A 123 4.07 9.44 16.63
CA HIS A 123 4.20 8.21 17.41
C HIS A 123 4.36 6.92 16.57
N LEU A 124 3.95 7.00 15.31
CA LEU A 124 4.04 5.84 14.42
C LEU A 124 5.34 5.76 13.62
N ARG A 125 6.23 6.74 13.85
CA ARG A 125 7.44 6.97 13.03
C ARG A 125 8.33 5.76 12.87
N ALA A 126 8.61 5.41 11.62
CA ALA A 126 9.57 4.37 11.26
C ALA A 126 10.79 4.96 10.55
N VAL A 127 10.91 6.30 10.53
CA VAL A 127 12.00 7.00 9.85
C VAL A 127 12.42 8.24 10.64
N PRO A 128 13.65 8.22 11.17
CA PRO A 128 14.05 9.32 12.03
C PRO A 128 14.43 10.52 11.18
N THR A 129 13.99 11.70 11.59
CA THR A 129 14.28 12.94 10.90
C THR A 129 15.75 13.14 10.58
N ASP A 130 16.64 12.71 11.48
CA ASP A 130 18.03 13.03 11.27
C ASP A 130 18.70 12.04 10.32
N GLU A 131 18.16 10.83 10.24
CA GLU A 131 18.64 9.87 9.24
C GLU A 131 18.33 10.35 7.81
N ALA A 132 17.08 10.79 7.61
CA ALA A 132 16.62 11.30 6.33
C ALA A 132 17.32 12.62 5.94
N ARG A 133 17.48 13.53 6.92
CA ARG A 133 18.21 14.77 6.71
C ARG A 133 19.60 14.48 6.20
N ALA A 134 20.20 13.44 6.76
CA ALA A 134 21.56 13.04 6.40
C ALA A 134 21.62 12.33 5.05
N PHE A 135 20.51 11.73 4.64
CA PHE A 135 20.45 11.06 3.36
C PHE A 135 20.27 12.11 2.27
N ALA A 136 19.51 13.14 2.59
CA ALA A 136 19.28 14.28 1.71
C ALA A 136 20.62 14.95 1.42
N GLU A 137 21.27 15.38 2.51
CA GLU A 137 22.60 16.04 2.47
C GLU A 137 23.63 15.21 1.68
N LYS A 138 23.64 13.90 1.87
CA LYS A 138 24.55 13.00 1.12
C LYS A 138 24.18 12.80 -0.36
N ASN A 139 22.94 13.17 -0.74
CA ASN A 139 22.52 13.03 -2.13
C ASN A 139 22.24 14.37 -2.80
N GLY A 140 22.46 15.45 -2.06
CA GLY A 140 22.36 16.78 -2.62
C GLY A 140 20.93 17.09 -2.97
N LEU A 141 20.04 16.88 -2.01
CA LEU A 141 18.63 17.24 -2.14
C LEU A 141 18.32 18.12 -0.95
N SER A 142 17.31 18.97 -1.08
CA SER A 142 16.71 19.63 0.06
C SER A 142 15.83 18.65 0.85
N PHE A 143 15.51 19.01 2.09
CA PHE A 143 14.76 18.11 2.96
C PHE A 143 13.77 18.86 3.78
N ILE A 144 12.59 18.26 3.95
CA ILE A 144 11.56 18.76 4.85
C ILE A 144 10.62 17.63 5.29
N GLU A 145 9.91 17.88 6.39
CA GLU A 145 8.90 16.96 6.90
C GLU A 145 7.60 17.74 6.96
N THR A 146 6.53 17.12 6.46
CA THR A 146 5.23 17.80 6.34
C THR A 146 4.08 17.00 6.96
N SER A 147 2.95 17.66 7.12
CA SER A 147 1.69 17.01 7.37
C SER A 147 0.65 17.71 6.54
N ALA A 148 0.13 17.02 5.53
CA ALA A 148 -0.91 17.59 4.71
C ALA A 148 -2.21 17.60 5.52
N LEU A 149 -2.32 16.63 6.45
CA LEU A 149 -3.49 16.49 7.32
C LEU A 149 -3.66 17.68 8.24
N ASP A 150 -2.64 17.98 9.04
CA ASP A 150 -2.80 19.14 9.92
C ASP A 150 -2.13 20.40 9.34
N SER A 151 -1.75 20.34 8.06
CA SER A 151 -1.39 21.51 7.27
C SER A 151 -0.02 22.16 7.63
N THR A 152 0.84 21.39 8.31
CA THR A 152 2.17 21.78 8.81
C THR A 152 3.33 21.68 7.80
N ASN A 153 3.89 22.85 7.42
CA ASN A 153 5.11 22.89 6.59
C ASN A 153 4.83 22.70 5.10
N VAL A 154 3.56 22.64 4.76
CA VAL A 154 3.15 22.41 3.40
C VAL A 154 3.49 23.62 2.53
N GLU A 155 2.87 24.77 2.77
CA GLU A 155 3.21 25.97 1.98
C GLU A 155 4.73 26.27 2.03
N ALA A 156 5.38 25.89 3.13
CA ALA A 156 6.85 25.99 3.25
C ALA A 156 7.63 25.07 2.30
N ALA A 157 7.20 23.80 2.20
CA ALA A 157 7.83 22.84 1.32
C ALA A 157 7.85 23.38 -0.09
N PHE A 158 6.73 23.97 -0.49
CA PHE A 158 6.56 24.48 -1.82
C PHE A 158 7.35 25.77 -2.05
N GLN A 159 7.17 26.73 -1.16
CA GLN A 159 7.91 28.01 -1.21
C GLN A 159 9.42 27.77 -1.24
N THR A 160 9.93 26.88 -0.43
CA THR A 160 11.38 26.53 -0.48
C THR A 160 11.85 25.96 -1.83
N ILE A 161 11.11 25.02 -2.44
CA ILE A 161 11.59 24.39 -3.69
C ILE A 161 11.57 25.43 -4.78
N LEU A 162 10.56 26.30 -4.73
CA LEU A 162 10.30 27.30 -5.73
C LEU A 162 11.34 28.42 -5.62
N THR A 163 11.77 28.67 -4.40
CA THR A 163 12.82 29.63 -4.19
C THR A 163 14.14 29.08 -4.68
N GLU A 164 14.46 27.85 -4.29
CA GLU A 164 15.68 27.22 -4.76
C GLU A 164 15.74 27.31 -6.28
N ILE A 165 14.62 26.99 -6.94
CA ILE A 165 14.60 26.91 -8.38
C ILE A 165 14.90 28.29 -8.98
N TYR A 166 14.23 29.29 -8.40
CA TYR A 166 14.39 30.68 -8.83
C TYR A 166 15.83 31.17 -8.68
N ARG A 167 16.54 30.68 -7.66
CA ARG A 167 17.91 31.11 -7.36
C ARG A 167 19.06 30.28 -8.01
N ILE A 168 18.74 29.07 -8.51
CA ILE A 168 19.68 28.21 -9.28
C ILE A 168 20.86 28.99 -9.91
N TYR B 1 -26.24 -29.12 1.60
CA TYR B 1 -24.94 -29.20 2.34
C TYR B 1 -25.03 -29.89 3.71
N ASP B 2 -23.93 -30.48 4.19
CA ASP B 2 -23.88 -31.18 5.50
C ASP B 2 -23.31 -30.33 6.67
N TYR B 3 -22.40 -29.40 6.37
CA TYR B 3 -21.94 -28.45 7.37
C TYR B 3 -21.75 -27.04 6.75
N LEU B 4 -21.83 -26.00 7.58
CA LEU B 4 -21.43 -24.63 7.16
C LEU B 4 -20.17 -24.19 7.91
N PHE B 5 -19.14 -23.85 7.15
CA PHE B 5 -17.91 -23.39 7.75
C PHE B 5 -17.67 -21.91 7.40
N LYS B 6 -17.66 -21.06 8.42
CA LYS B 6 -17.34 -19.65 8.19
C LYS B 6 -15.83 -19.52 8.20
N VAL B 7 -15.27 -18.99 7.13
CA VAL B 7 -13.85 -18.74 7.03
C VAL B 7 -13.58 -17.24 6.73
N VAL B 8 -12.62 -16.65 7.42
CA VAL B 8 -12.26 -15.25 7.14
C VAL B 8 -10.90 -15.13 6.44
N LEU B 9 -10.84 -14.23 5.48
CA LEU B 9 -9.63 -13.72 4.94
C LEU B 9 -9.14 -12.50 5.76
N ILE B 10 -7.83 -12.45 6.04
CA ILE B 10 -7.21 -11.32 6.71
C ILE B 10 -5.75 -11.23 6.21
N GLY B 11 -5.14 -10.06 6.41
CA GLY B 11 -3.87 -9.72 5.82
C GLY B 11 -3.89 -8.27 5.39
N ASP B 12 -2.70 -7.70 5.20
CA ASP B 12 -2.58 -6.28 4.95
C ASP B 12 -3.34 -5.88 3.69
N VAL B 13 -3.53 -4.60 3.54
CA VAL B 13 -4.10 -4.03 2.36
C VAL B 13 -3.32 -4.44 1.11
N GLY B 14 -4.01 -4.83 0.04
CA GLY B 14 -3.34 -5.08 -1.23
C GLY B 14 -2.75 -6.47 -1.47
N VAL B 15 -2.75 -7.35 -0.47
CA VAL B 15 -2.15 -8.70 -0.66
C VAL B 15 -2.97 -9.66 -1.51
N GLY B 16 -4.23 -9.33 -1.76
CA GLY B 16 -5.00 -10.06 -2.76
C GLY B 16 -6.18 -10.85 -2.25
N LYS B 17 -6.60 -10.54 -1.02
CA LYS B 17 -7.75 -11.18 -0.37
C LYS B 17 -9.02 -11.22 -1.18
N SER B 18 -9.44 -10.11 -1.77
CA SER B 18 -10.78 -10.14 -2.42
C SER B 18 -10.75 -10.93 -3.69
N ASN B 19 -9.58 -11.07 -4.27
CA ASN B 19 -9.42 -11.84 -5.48
C ASN B 19 -9.24 -13.34 -5.20
N LEU B 20 -8.60 -13.68 -4.06
CA LEU B 20 -8.76 -15.06 -3.50
C LEU B 20 -10.25 -15.43 -3.37
N LEU B 21 -10.99 -14.58 -2.72
CA LEU B 21 -12.40 -14.82 -2.61
C LEU B 21 -13.08 -14.98 -3.99
N SER B 22 -12.93 -13.96 -4.86
CA SER B 22 -13.66 -13.96 -6.15
C SER B 22 -13.19 -15.11 -7.06
N ARG B 23 -11.92 -15.47 -6.93
CA ARG B 23 -11.38 -16.59 -7.66
C ARG B 23 -12.08 -17.86 -7.21
N PHE B 24 -12.09 -18.05 -5.90
CA PHE B 24 -12.67 -19.24 -5.32
C PHE B 24 -14.18 -19.36 -5.55
N THR B 25 -14.94 -18.30 -5.35
CA THR B 25 -16.40 -18.41 -5.40
C THR B 25 -17.05 -18.25 -6.77
N ARG B 26 -16.45 -17.47 -7.67
CA ARG B 26 -17.03 -17.21 -9.02
C ARG B 26 -16.00 -17.42 -10.14
N ASN B 27 -14.83 -17.94 -9.81
CA ASN B 27 -13.71 -18.05 -10.78
C ASN B 27 -13.37 -16.77 -11.54
N GLU B 28 -13.88 -15.61 -11.09
CA GLU B 28 -13.54 -14.31 -11.70
C GLU B 28 -12.33 -13.65 -11.01
N PHE B 29 -11.58 -12.83 -11.73
CA PHE B 29 -10.43 -12.11 -11.18
C PHE B 29 -10.47 -10.68 -11.73
N ASN B 30 -9.85 -9.75 -11.04
CA ASN B 30 -9.96 -8.36 -11.41
C ASN B 30 -8.64 -7.68 -11.06
N LEU B 31 -7.78 -7.50 -12.06
CA LEU B 31 -6.55 -6.73 -11.90
C LEU B 31 -6.81 -5.29 -11.45
N GLU B 32 -7.99 -4.75 -11.72
CA GLU B 32 -8.31 -3.38 -11.31
C GLU B 32 -9.13 -3.20 -10.01
N SER B 33 -9.24 -4.27 -9.20
CA SER B 33 -9.95 -4.22 -7.89
C SER B 33 -9.40 -3.15 -6.91
N LYS B 34 -10.30 -2.32 -6.39
CA LYS B 34 -9.94 -1.29 -5.41
C LYS B 34 -10.11 -1.80 -3.95
N SER B 35 -9.62 -1.03 -2.98
CA SER B 35 -9.67 -1.44 -1.57
C SER B 35 -11.13 -1.68 -1.13
N THR B 36 -11.33 -2.76 -0.39
CA THR B 36 -12.66 -3.22 -0.04
C THR B 36 -13.37 -2.29 0.95
N ILE B 37 -14.60 -1.93 0.61
CA ILE B 37 -15.40 -1.11 1.51
C ILE B 37 -16.41 -1.93 2.27
N GLY B 38 -16.39 -1.79 3.60
CA GLY B 38 -17.23 -2.60 4.48
C GLY B 38 -16.83 -4.07 4.37
N VAL B 39 -17.72 -4.96 4.81
CA VAL B 39 -17.51 -6.41 4.82
C VAL B 39 -18.28 -7.05 3.68
N GLU B 40 -17.74 -8.11 3.09
CA GLU B 40 -18.52 -8.93 2.18
C GLU B 40 -18.36 -10.39 2.55
N PHE B 41 -19.30 -11.21 2.14
CA PHE B 41 -19.05 -12.62 2.17
C PHE B 41 -19.60 -13.28 0.93
N ALA B 42 -19.09 -14.45 0.60
CA ALA B 42 -19.64 -15.23 -0.47
C ALA B 42 -19.41 -16.72 -0.19
N THR B 43 -20.23 -17.55 -0.81
CA THR B 43 -20.26 -18.97 -0.48
C THR B 43 -19.92 -19.80 -1.71
N ARG B 44 -19.34 -20.97 -1.47
CA ARG B 44 -19.25 -22.03 -2.47
C ARG B 44 -19.24 -23.36 -1.73
N SER B 45 -19.85 -24.37 -2.37
CA SER B 45 -19.96 -25.71 -1.81
C SER B 45 -18.91 -26.58 -2.40
N ILE B 46 -18.25 -27.36 -1.56
CA ILE B 46 -17.37 -28.38 -2.09
C ILE B 46 -17.39 -29.62 -1.27
N GLN B 47 -16.66 -30.61 -1.78
CA GLN B 47 -16.61 -31.93 -1.19
C GLN B 47 -15.40 -32.06 -0.30
N VAL B 48 -15.64 -32.46 0.94
CA VAL B 48 -14.54 -32.65 1.88
C VAL B 48 -14.81 -34.01 2.51
N ASP B 49 -13.93 -34.98 2.29
CA ASP B 49 -14.09 -36.34 2.87
C ASP B 49 -15.52 -36.91 2.77
N GLY B 50 -16.15 -36.78 1.61
CA GLY B 50 -17.48 -37.36 1.39
C GLY B 50 -18.68 -36.51 1.77
N LYS B 51 -18.41 -35.28 2.22
CA LYS B 51 -19.43 -34.38 2.73
C LYS B 51 -19.54 -33.13 1.93
N THR B 52 -20.69 -32.50 2.02
CA THR B 52 -20.91 -31.23 1.33
C THR B 52 -20.74 -30.06 2.30
N ILE B 53 -19.59 -29.40 2.21
CA ILE B 53 -19.34 -28.21 3.03
C ILE B 53 -19.77 -27.01 2.25
N LYS B 54 -20.57 -26.16 2.87
CA LYS B 54 -20.80 -24.80 2.37
C LYS B 54 -19.75 -23.87 3.05
N ALA B 55 -18.77 -23.42 2.27
CA ALA B 55 -17.75 -22.48 2.74
C ALA B 55 -18.24 -21.06 2.65
N GLN B 56 -18.28 -20.39 3.82
CA GLN B 56 -18.71 -19.00 3.84
C GLN B 56 -17.46 -18.15 4.11
N ILE B 57 -17.07 -17.39 3.10
CA ILE B 57 -15.77 -16.75 3.13
C ILE B 57 -15.99 -15.28 3.24
N TRP B 58 -15.43 -14.71 4.29
CA TRP B 58 -15.63 -13.32 4.59
C TRP B 58 -14.37 -12.60 4.23
N ASP B 59 -14.57 -11.34 3.87
CA ASP B 59 -13.55 -10.46 3.40
C ASP B 59 -13.84 -9.02 3.84
N THR B 60 -12.77 -8.25 4.00
CA THR B 60 -12.89 -6.83 4.30
C THR B 60 -11.52 -6.20 4.14
N ALA B 61 -11.48 -4.88 4.04
CA ALA B 61 -10.19 -4.16 3.88
C ALA B 61 -9.25 -4.47 5.04
N GLY B 62 -7.96 -4.60 4.72
CA GLY B 62 -6.89 -4.75 5.76
C GLY B 62 -6.60 -3.48 6.56
N GLN B 63 -7.21 -2.36 6.18
CA GLN B 63 -6.96 -1.07 6.81
C GLN B 63 -7.69 -0.99 8.18
N GLU B 64 -6.97 -0.54 9.22
CA GLU B 64 -7.52 -0.34 10.58
C GLU B 64 -6.97 0.93 11.33
N ARG B 65 -6.99 2.11 10.71
CA ARG B 65 -6.52 3.31 11.46
C ARG B 65 -7.61 3.92 12.35
N TYR B 66 -8.66 4.42 11.70
CA TYR B 66 -9.81 5.04 12.36
C TYR B 66 -10.97 4.09 12.62
N ARG B 67 -10.97 2.95 11.94
CA ARG B 67 -12.07 1.98 11.98
C ARG B 67 -11.49 0.59 12.13
N ALA B 68 -11.58 -0.03 13.31
CA ALA B 68 -11.03 -1.38 13.55
C ALA B 68 -12.05 -2.49 13.25
N ILE B 69 -11.53 -3.59 12.71
CA ILE B 69 -12.29 -4.82 12.57
C ILE B 69 -12.59 -5.29 13.97
N THR B 70 -13.87 -5.55 14.24
CA THR B 70 -14.32 -6.08 15.51
C THR B 70 -14.53 -7.58 15.53
N SER B 71 -14.70 -8.08 16.73
CA SER B 71 -15.02 -9.48 16.97
C SER B 71 -16.20 -10.03 16.20
N ALA B 72 -17.16 -9.18 15.80
CA ALA B 72 -18.30 -9.69 15.04
C ALA B 72 -17.85 -10.19 13.68
N TYR B 73 -16.78 -9.61 13.16
CA TYR B 73 -16.24 -10.09 11.90
C TYR B 73 -15.83 -11.54 12.07
N TYR B 74 -15.25 -11.83 13.24
CA TYR B 74 -14.59 -13.09 13.45
C TYR B 74 -15.51 -14.11 14.02
N ARG B 75 -16.63 -13.66 14.54
CA ARG B 75 -17.50 -14.53 15.32
C ARG B 75 -17.99 -15.77 14.55
N GLY B 76 -17.70 -16.95 15.08
CA GLY B 76 -18.17 -18.19 14.47
C GLY B 76 -17.15 -18.78 13.48
N ALA B 77 -16.08 -18.03 13.16
CA ALA B 77 -15.14 -18.52 12.15
C ALA B 77 -14.35 -19.74 12.67
N VAL B 78 -14.30 -20.81 11.86
CA VAL B 78 -13.51 -22.02 12.17
C VAL B 78 -12.15 -22.02 11.42
N GLY B 79 -12.03 -21.14 10.42
CA GLY B 79 -10.74 -21.04 9.71
C GLY B 79 -10.39 -19.60 9.40
N ALA B 80 -9.11 -19.30 9.43
CA ALA B 80 -8.67 -18.03 8.93
C ALA B 80 -7.61 -18.26 7.84
N LEU B 81 -7.77 -17.54 6.72
CA LEU B 81 -6.77 -17.44 5.67
C LEU B 81 -6.00 -16.18 5.83
N LEU B 82 -4.77 -16.36 6.25
CA LEU B 82 -3.89 -15.26 6.66
C LEU B 82 -2.92 -15.00 5.54
N VAL B 83 -3.17 -13.93 4.80
CA VAL B 83 -2.59 -13.76 3.44
C VAL B 83 -1.54 -12.70 3.48
N TYR B 84 -0.43 -12.95 2.82
CA TYR B 84 0.56 -11.90 2.62
C TYR B 84 0.95 -12.01 1.15
N ASP B 85 1.80 -11.08 0.76
CA ASP B 85 2.18 -10.87 -0.61
C ASP B 85 3.65 -11.29 -0.65
N ILE B 86 3.96 -12.27 -1.50
CA ILE B 86 5.32 -12.81 -1.49
C ILE B 86 6.33 -11.76 -1.99
N ALA B 87 5.82 -10.74 -2.70
CA ALA B 87 6.64 -9.67 -3.27
C ALA B 87 6.81 -8.44 -2.38
N LYS B 88 6.18 -8.40 -1.21
CA LYS B 88 6.32 -7.26 -0.31
C LYS B 88 6.59 -7.83 1.04
N HIS B 89 7.81 -7.61 1.50
CA HIS B 89 8.28 -8.17 2.74
C HIS B 89 7.48 -7.66 3.93
N LEU B 90 7.06 -6.39 3.87
CA LEU B 90 6.35 -5.77 5.01
C LEU B 90 5.01 -6.46 5.35
N THR B 91 4.39 -7.05 4.34
CA THR B 91 3.12 -7.78 4.52
C THR B 91 3.34 -9.12 5.23
N TYR B 92 4.44 -9.80 4.90
CA TYR B 92 4.92 -10.91 5.68
C TYR B 92 5.27 -10.54 7.10
N GLU B 93 5.91 -9.38 7.27
CA GLU B 93 6.30 -8.91 8.59
C GLU B 93 5.10 -8.70 9.48
N ASN B 94 3.99 -8.24 8.90
CA ASN B 94 2.79 -7.92 9.67
C ASN B 94 1.93 -9.14 10.08
N VAL B 95 2.35 -10.32 9.62
CA VAL B 95 1.71 -11.58 9.97
C VAL B 95 1.59 -11.65 11.50
N GLU B 96 2.69 -11.32 12.20
CA GLU B 96 2.69 -11.25 13.66
C GLU B 96 1.45 -10.49 14.16
N ARG B 97 1.17 -9.39 13.48
CA ARG B 97 0.11 -8.50 13.89
C ARG B 97 -1.25 -9.19 13.64
N TRP B 98 -1.37 -9.86 12.50
CA TRP B 98 -2.61 -10.61 12.22
C TRP B 98 -2.85 -11.79 13.16
N LEU B 99 -1.78 -12.43 13.60
CA LEU B 99 -1.90 -13.49 14.60
C LEU B 99 -2.37 -12.94 15.92
N LYS B 100 -1.80 -11.80 16.28
CA LYS B 100 -2.18 -11.09 17.49
C LYS B 100 -3.68 -10.85 17.44
N GLU B 101 -4.10 -10.22 16.35
CA GLU B 101 -5.50 -9.99 16.06
C GLU B 101 -6.37 -11.27 16.08
N LEU B 102 -5.89 -12.37 15.51
CA LEU B 102 -6.64 -13.66 15.63
C LEU B 102 -6.80 -14.05 17.08
N ARG B 103 -5.73 -13.93 17.84
CA ARG B 103 -5.80 -14.26 19.25
C ARG B 103 -6.81 -13.41 20.04
N ASP B 104 -6.89 -12.11 19.71
CA ASP B 104 -7.81 -11.17 20.36
C ASP B 104 -9.27 -11.31 19.96
N HIS B 105 -9.56 -11.62 18.71
CA HIS B 105 -10.93 -11.53 18.28
C HIS B 105 -11.60 -12.84 17.91
N ALA B 106 -10.81 -13.89 17.64
CA ALA B 106 -11.28 -15.17 17.07
C ALA B 106 -11.19 -16.30 18.07
N ASP B 107 -11.84 -17.43 17.79
CA ASP B 107 -11.78 -18.56 18.68
C ASP B 107 -10.35 -19.10 18.85
N SER B 108 -10.02 -19.48 20.09
CA SER B 108 -8.78 -20.24 20.34
C SER B 108 -8.61 -21.49 19.45
N ASN B 109 -9.70 -22.10 18.98
CA ASN B 109 -9.61 -23.29 18.08
C ASN B 109 -9.67 -23.03 16.52
N ILE B 110 -9.49 -21.79 16.10
CA ILE B 110 -9.53 -21.44 14.70
C ILE B 110 -8.37 -22.11 14.03
N VAL B 111 -8.63 -22.67 12.86
CA VAL B 111 -7.55 -23.18 12.05
C VAL B 111 -7.05 -22.06 11.16
N ILE B 112 -5.73 -21.85 11.21
CA ILE B 112 -5.09 -20.81 10.48
C ILE B 112 -4.18 -21.31 9.39
N MET B 113 -4.43 -20.87 8.16
CA MET B 113 -3.48 -21.07 7.07
C MET B 113 -2.77 -19.81 6.64
N LEU B 114 -1.44 -19.84 6.68
CA LEU B 114 -0.62 -18.81 6.13
C LEU B 114 -0.58 -18.98 4.62
N VAL B 115 -1.04 -17.97 3.88
CA VAL B 115 -1.04 -17.98 2.42
C VAL B 115 -0.14 -16.86 1.94
N GLY B 116 0.94 -17.24 1.23
CA GLY B 116 1.77 -16.29 0.49
C GLY B 116 1.20 -16.22 -0.93
N ASN B 117 0.59 -15.08 -1.27
CA ASN B 117 -0.14 -14.97 -2.56
C ASN B 117 0.69 -14.17 -3.54
N LYS B 118 0.21 -14.09 -4.79
CA LYS B 118 0.90 -13.37 -5.85
C LYS B 118 2.18 -14.16 -6.15
N SER B 119 2.03 -15.43 -6.52
CA SER B 119 3.23 -16.26 -6.69
C SER B 119 3.70 -16.30 -8.14
N ASP B 120 2.83 -15.87 -9.05
CA ASP B 120 3.22 -15.59 -10.43
C ASP B 120 4.39 -14.58 -10.42
N LEU B 121 4.25 -13.57 -9.57
CA LEU B 121 5.23 -12.52 -9.33
C LEU B 121 6.62 -13.02 -8.83
N ARG B 122 6.99 -14.24 -9.23
CA ARG B 122 8.20 -14.98 -8.78
C ARG B 122 9.45 -14.11 -8.72
N HIS B 123 9.61 -13.32 -9.77
CA HIS B 123 10.82 -12.61 -10.11
C HIS B 123 11.00 -11.40 -9.20
N LEU B 124 9.92 -11.04 -8.50
CA LEU B 124 10.00 -9.90 -7.59
C LEU B 124 9.88 -10.35 -6.12
N ARG B 125 10.15 -11.63 -5.86
CA ARG B 125 10.00 -12.21 -4.51
C ARG B 125 10.87 -11.53 -3.49
N ALA B 126 10.26 -11.08 -2.41
CA ALA B 126 10.97 -10.54 -1.27
C ALA B 126 10.86 -11.48 -0.06
N VAL B 127 10.22 -12.64 -0.25
CA VAL B 127 9.99 -13.59 0.85
C VAL B 127 10.21 -15.04 0.41
N PRO B 128 11.28 -15.68 0.93
CA PRO B 128 11.61 -16.99 0.43
C PRO B 128 10.60 -17.98 0.92
N THR B 129 10.18 -18.88 0.04
CA THR B 129 9.24 -19.92 0.41
C THR B 129 9.61 -20.61 1.71
N ASP B 130 10.83 -21.13 1.80
CA ASP B 130 11.18 -22.03 2.90
C ASP B 130 11.31 -21.33 4.23
N GLU B 131 11.66 -20.06 4.21
CA GLU B 131 11.59 -19.24 5.41
C GLU B 131 10.16 -19.14 5.97
N ALA B 132 9.20 -18.96 5.06
CA ALA B 132 7.81 -18.86 5.42
C ALA B 132 7.25 -20.24 5.81
N ARG B 133 7.67 -21.29 5.09
CA ARG B 133 7.24 -22.65 5.40
C ARG B 133 7.66 -23.04 6.78
N ALA B 134 8.77 -22.48 7.23
CA ALA B 134 9.33 -22.74 8.55
C ALA B 134 8.79 -21.77 9.62
N PHE B 135 8.23 -20.65 9.18
CA PHE B 135 7.57 -19.74 10.12
C PHE B 135 6.19 -20.30 10.45
N ALA B 136 5.49 -20.80 9.44
CA ALA B 136 4.26 -21.55 9.64
C ALA B 136 4.47 -22.67 10.67
N GLU B 137 5.48 -23.50 10.39
CA GLU B 137 5.86 -24.67 11.22
C GLU B 137 6.14 -24.26 12.67
N LYS B 138 6.95 -23.22 12.87
CA LYS B 138 7.21 -22.68 14.23
C LYS B 138 5.99 -22.07 14.95
N ASN B 139 4.90 -21.77 14.20
CA ASN B 139 3.72 -21.15 14.81
C ASN B 139 2.44 -22.00 14.73
N GLY B 140 2.55 -23.21 14.24
CA GLY B 140 1.44 -24.16 14.22
C GLY B 140 0.35 -23.73 13.28
N LEU B 141 0.72 -23.16 12.15
CA LEU B 141 -0.21 -22.80 11.07
C LEU B 141 0.12 -23.72 9.94
N SER B 142 -0.83 -23.94 9.04
CA SER B 142 -0.56 -24.50 7.75
C SER B 142 0.00 -23.42 6.82
N PHE B 143 0.53 -23.82 5.67
CA PHE B 143 1.18 -22.88 4.77
C PHE B 143 0.86 -23.29 3.35
N ILE B 144 0.65 -22.30 2.49
CA ILE B 144 0.55 -22.52 1.05
C ILE B 144 0.86 -21.24 0.27
N GLU B 145 1.24 -21.42 -0.98
CA GLU B 145 1.54 -20.28 -1.86
C GLU B 145 0.57 -20.35 -3.02
N THR B 146 0.00 -19.19 -3.33
CA THR B 146 -1.07 -19.10 -4.32
C THR B 146 -0.85 -18.03 -5.39
N SER B 147 -1.66 -18.10 -6.42
CA SER B 147 -1.73 -17.05 -7.39
C SER B 147 -3.17 -16.94 -7.78
N ALA B 148 -3.81 -15.85 -7.39
CA ALA B 148 -5.22 -15.70 -7.72
C ALA B 148 -5.35 -15.36 -9.20
N LEU B 149 -4.30 -14.74 -9.75
CA LEU B 149 -4.18 -14.48 -11.18
C LEU B 149 -4.17 -15.77 -12.03
N ASP B 150 -3.14 -16.60 -11.90
CA ASP B 150 -3.15 -17.86 -12.69
C ASP B 150 -3.82 -19.08 -12.05
N SER B 151 -4.82 -18.87 -11.20
CA SER B 151 -5.55 -19.96 -10.53
C SER B 151 -4.77 -20.98 -9.70
N THR B 152 -3.42 -20.93 -9.74
CA THR B 152 -2.50 -21.84 -9.02
C THR B 152 -2.74 -21.91 -7.50
N ASN B 153 -3.22 -23.06 -7.03
CA ASN B 153 -3.23 -23.41 -5.61
C ASN B 153 -4.35 -22.76 -4.84
N VAL B 154 -5.23 -22.07 -5.55
CA VAL B 154 -6.33 -21.39 -4.93
C VAL B 154 -7.32 -22.40 -4.38
N GLU B 155 -7.97 -23.18 -5.26
CA GLU B 155 -8.96 -24.17 -4.80
C GLU B 155 -8.32 -25.12 -3.77
N ALA B 156 -7.03 -25.41 -3.94
CA ALA B 156 -6.29 -26.26 -3.02
C ALA B 156 -6.17 -25.64 -1.63
N ALA B 157 -5.91 -24.33 -1.58
CA ALA B 157 -5.74 -23.62 -0.31
C ALA B 157 -7.01 -23.74 0.50
N PHE B 158 -8.14 -23.50 -0.18
CA PHE B 158 -9.43 -23.49 0.49
C PHE B 158 -9.76 -24.92 0.91
N GLN B 159 -9.49 -25.85 0.00
CA GLN B 159 -9.85 -27.24 0.18
C GLN B 159 -9.07 -27.86 1.34
N THR B 160 -7.80 -27.53 1.47
CA THR B 160 -6.98 -27.96 2.60
C THR B 160 -7.41 -27.38 3.97
N ILE B 161 -7.89 -26.13 4.01
CA ILE B 161 -8.24 -25.53 5.31
C ILE B 161 -9.55 -26.13 5.82
N LEU B 162 -10.46 -26.33 4.88
CA LEU B 162 -11.77 -26.92 5.13
C LEU B 162 -11.62 -28.39 5.56
N THR B 163 -10.63 -29.05 4.97
CA THR B 163 -10.32 -30.39 5.37
C THR B 163 -9.70 -30.42 6.75
N GLU B 164 -8.76 -29.52 7.02
CA GLU B 164 -8.17 -29.42 8.36
C GLU B 164 -9.26 -29.21 9.40
N ILE B 165 -10.20 -28.31 9.11
CA ILE B 165 -11.24 -27.94 10.05
C ILE B 165 -12.17 -29.14 10.30
N TYR B 166 -12.57 -29.78 9.21
CA TYR B 166 -13.43 -30.95 9.28
C TYR B 166 -12.83 -32.08 10.11
N ARG B 167 -11.50 -32.18 10.17
CA ARG B 167 -10.80 -33.25 10.88
C ARG B 167 -10.26 -32.93 12.31
N ILE B 168 -10.22 -31.65 12.71
CA ILE B 168 -9.65 -31.21 14.01
C ILE B 168 -9.57 -32.34 15.06
MG MG C . -2.54 10.39 -5.76
PG GTP D . -1.31 7.53 -5.14
O1G GTP D . -2.32 8.37 -5.78
O2G GTP D . -1.71 6.12 -4.94
O3G GTP D . 0.03 7.51 -5.86
O3B GTP D . -1.12 8.19 -3.47
PB GTP D . -0.97 9.74 -2.83
O1B GTP D . -1.79 10.21 -3.94
O2B GTP D . 0.50 9.51 -2.87
O3A GTP D . -1.73 9.49 -1.36
PA GTP D . -3.11 10.35 -0.83
O1A GTP D . -2.62 11.76 -0.90
O2A GTP D . -3.86 9.71 -1.94
O5' GTP D . -2.88 9.65 0.56
C5' GTP D . -3.28 8.31 0.87
C4' GTP D . -3.78 8.27 2.32
O4' GTP D . -2.81 8.93 3.15
C3' GTP D . -5.10 9.06 2.44
O3' GTP D . -5.95 8.40 3.39
C2' GTP D . -4.62 10.37 3.02
O2' GTP D . -5.62 11.08 3.80
C1' GTP D . -3.45 9.93 3.91
N9 GTP D . -2.65 11.15 4.18
C8 GTP D . -2.30 12.07 3.28
N7 GTP D . -1.64 13.04 3.91
C5 GTP D . -1.58 12.74 5.21
C6 GTP D . -1.03 13.39 6.25
O6 GTP D . -0.44 14.47 6.12
N1 GTP D . -1.15 12.83 7.54
C2 GTP D . -1.82 11.60 7.68
N2 GTP D . -1.92 11.05 8.89
N3 GTP D . -2.34 10.99 6.61
C4 GTP D . -2.23 11.57 5.39
MG MG E . -10.30 -6.48 -0.41
PG GTP F . -7.91 -4.63 0.64
O1G GTP F . -7.38 -3.26 0.47
O2G GTP F . -7.65 -5.05 2.09
O3G GTP F . -9.31 -4.78 0.23
O3B GTP F . -6.89 -5.73 -0.42
PB GTP F . -7.11 -7.29 -1.04
O1B GTP F . -6.30 -7.81 0.12
O2B GTP F . -8.58 -7.11 -1.04
O3A GTP F . -6.28 -7.04 -2.45
PA GTP F . -6.97 -7.25 -4.00
O1A GTP F . -7.83 -6.10 -3.68
O2A GTP F . -7.43 -8.65 -3.90
O5' GTP F . -5.55 -7.08 -4.64
C5' GTP F . -4.95 -5.78 -4.84
C4' GTP F . -4.09 -5.80 -6.12
O4' GTP F . -3.29 -6.99 -6.11
C3' GTP F . -5.01 -5.89 -7.38
O3' GTP F . -4.39 -5.19 -8.49
C2' GTP F . -4.99 -7.36 -7.62
O2' GTP F . -5.32 -7.69 -9.01
C1' GTP F . -3.56 -7.73 -7.30
N9 GTP F . -3.48 -9.21 -7.16
C8 GTP F . -4.34 -9.97 -6.48
N7 GTP F . -3.98 -11.24 -6.64
C5 GTP F . -2.91 -11.29 -7.43
C6 GTP F . -2.18 -12.33 -7.87
O6 GTP F . -2.43 -13.49 -7.58
N1 GTP F . -1.10 -12.07 -8.72
C2 GTP F . -0.80 -10.74 -9.05
N2 GTP F . 0.24 -10.51 -9.85
N3 GTP F . -1.56 -9.73 -8.57
C4 GTP F . -2.61 -10.02 -7.77
#